data_1SMC
#
_entry.id   1SMC
#
_cell.length_a   58.595
_cell.length_b   77.697
_cell.length_c   94.781
_cell.angle_alpha   90.00
_cell.angle_beta   90.00
_cell.angle_gamma   90.00
#
_symmetry.space_group_name_H-M   'P 21 21 21'
#
loop_
_entity.id
_entity.type
_entity.pdbx_description
1 polymer "Deoxyuridine 5'-triphosphate nucleotidohydrolase"
2 non-polymer "DEOXYURIDINE-5'-TRIPHOSPHATE"
3 non-polymer 2-AMINO-2-HYDROXYMETHYL-PROPANE-1,3-DIOL
4 non-polymer 'NITRATE ION'
5 water water
#
_entity_poly.entity_id   1
_entity_poly.type   'polypeptide(L)'
_entity_poly.pdbx_seq_one_letter_code
;MGSSHHHHHHSSGLVPRGSHMSTTLAIVRLDPGLPLPSRAHDGDAGVDLYSAEDVELAPGRRALVRTGVAVAVPFGMVGL
VHPRSGLATRVGLSIVNSPGTIDAGYRGEIKVALINLDPAAPIVVHRGDRIAQLLVQRVELVELVEVSSFDEAGLASTSR
GDGGHGSSGGHASL
;
_entity_poly.pdbx_strand_id   A,B,C
#
loop_
_chem_comp.id
_chem_comp.type
_chem_comp.name
_chem_comp.formula
DUT non-polymer DEOXYURIDINE-5'-TRIPHOSPHATE 'C9 H15 N2 O14 P3'
NO3 non-polymer 'NITRATE ION' 'N O3 -1'
TRS non-polymer 2-AMINO-2-HYDROXYMETHYL-PROPANE-1,3-DIOL 'C4 H12 N O3 1'
#
# COMPACT_ATOMS: atom_id res chain seq x y z
C SER A 22 -7.67 2.71 -22.23
N THR A 23 -6.76 2.09 -21.46
CA THR A 23 -6.81 0.65 -21.21
C THR A 23 -8.19 0.12 -20.79
N THR A 24 -8.57 -1.06 -21.27
CA THR A 24 -9.82 -1.66 -20.79
C THR A 24 -9.51 -2.74 -19.74
N LEU A 25 -10.47 -2.95 -18.84
CA LEU A 25 -10.41 -4.03 -17.86
C LEU A 25 -11.65 -4.90 -17.99
N ALA A 26 -11.46 -6.12 -18.50
CA ALA A 26 -12.54 -7.11 -18.46
C ALA A 26 -12.93 -7.47 -17.02
N ILE A 27 -14.24 -7.48 -16.74
CA ILE A 27 -14.76 -7.74 -15.41
C ILE A 27 -15.99 -8.62 -15.47
N VAL A 28 -15.98 -9.64 -14.61
CA VAL A 28 -17.10 -10.56 -14.46
C VAL A 28 -17.76 -10.25 -13.14
N ARG A 29 -19.06 -9.95 -13.20
CA ARG A 29 -19.88 -9.86 -11.98
C ARG A 29 -20.33 -11.26 -11.56
N LEU A 30 -19.52 -11.94 -10.77
CA LEU A 30 -19.85 -13.28 -10.24
C LEU A 30 -21.16 -13.18 -9.45
N ASP A 31 -21.33 -12.07 -8.74
CA ASP A 31 -22.59 -11.76 -8.06
C ASP A 31 -23.38 -10.69 -8.84
N PRO A 32 -24.42 -11.08 -9.60
CA PRO A 32 -25.14 -10.10 -10.45
C PRO A 32 -26.04 -9.14 -9.66
N GLY A 33 -26.25 -9.40 -8.37
CA GLY A 33 -27.00 -8.47 -7.51
C GLY A 33 -26.30 -7.18 -7.06
N LEU A 34 -25.04 -6.97 -7.43
CA LEU A 34 -24.31 -5.78 -7.01
C LEU A 34 -24.09 -4.88 -8.22
N PRO A 35 -23.92 -3.58 -8.00
CA PRO A 35 -23.63 -2.71 -9.13
C PRO A 35 -22.23 -3.05 -9.66
N LEU A 36 -22.02 -2.75 -10.95
CA LEU A 36 -20.70 -2.78 -11.57
C LEU A 36 -19.78 -1.73 -10.86
N PRO A 37 -18.58 -2.08 -10.42
CA PRO A 37 -17.69 -1.02 -9.89
C PRO A 37 -17.58 0.14 -10.91
N SER A 38 -17.56 1.37 -10.40
CA SER A 38 -17.50 2.55 -11.23
C SER A 38 -16.56 3.60 -10.57
N ARG A 39 -16.04 4.41 -11.49
CA ARG A 39 -15.11 5.51 -11.16
C ARG A 39 -16.08 6.66 -10.92
N ALA A 40 -16.14 7.16 -9.70
CA ALA A 40 -17.06 8.24 -9.36
C ALA A 40 -16.78 9.59 -10.07
N HIS A 41 -15.52 10.04 -10.07
CA HIS A 41 -15.20 11.28 -10.80
C HIS A 41 -14.15 10.95 -11.85
N ASP A 42 -14.14 11.72 -12.92
CA ASP A 42 -13.10 11.57 -13.92
C ASP A 42 -11.77 11.82 -13.18
N GLY A 43 -10.74 11.12 -13.64
CA GLY A 43 -9.45 11.19 -12.93
C GLY A 43 -9.29 10.49 -11.59
N ASP A 44 -10.38 10.09 -10.92
CA ASP A 44 -10.30 9.24 -9.73
C ASP A 44 -9.42 7.97 -10.06
N ALA A 45 -8.48 7.71 -9.18
CA ALA A 45 -7.56 6.59 -9.33
C ALA A 45 -8.24 5.19 -9.30
N GLY A 46 -9.19 5.04 -8.45
CA GLY A 46 -9.83 3.77 -8.14
C GLY A 46 -11.29 3.70 -8.50
N VAL A 47 -11.78 2.48 -8.72
CA VAL A 47 -13.19 2.19 -8.78
C VAL A 47 -13.56 1.52 -7.47
N ASP A 48 -14.75 1.80 -6.93
CA ASP A 48 -15.11 1.21 -5.63
C ASP A 48 -15.58 -0.22 -5.81
N LEU A 49 -15.10 -1.08 -4.92
CA LEU A 49 -15.52 -2.44 -4.82
C LEU A 49 -16.56 -2.57 -3.69
N TYR A 50 -17.57 -3.42 -3.93
CA TYR A 50 -18.68 -3.70 -3.06
C TYR A 50 -18.48 -4.96 -2.26
N SER A 51 -19.09 -5.02 -1.09
CA SER A 51 -19.22 -6.24 -0.35
C SER A 51 -20.39 -7.08 -0.87
N ALA A 52 -20.15 -8.37 -1.12
CA ALA A 52 -21.24 -9.31 -1.42
C ALA A 52 -21.93 -9.78 -0.15
N GLU A 53 -21.43 -9.42 1.03
CA GLU A 53 -21.90 -10.02 2.27
C GLU A 53 -22.09 -9.06 3.43
N ASP A 54 -23.02 -9.47 4.29
CA ASP A 54 -23.22 -8.89 5.61
C ASP A 54 -22.25 -9.54 6.54
N VAL A 55 -21.42 -8.72 7.18
CA VAL A 55 -20.49 -9.19 8.21
C VAL A 55 -20.27 -8.12 9.28
N GLU A 56 -20.12 -8.56 10.53
CA GLU A 56 -19.85 -7.68 11.63
C GLU A 56 -18.48 -7.97 12.18
N LEU A 57 -17.63 -6.98 12.26
CA LEU A 57 -16.30 -7.22 12.76
C LEU A 57 -16.17 -6.65 14.13
N ALA A 58 -16.02 -7.51 15.13
CA ALA A 58 -15.70 -7.06 16.48
C ALA A 58 -14.34 -6.37 16.51
N PRO A 59 -14.07 -5.55 17.53
CA PRO A 59 -12.77 -4.89 17.66
C PRO A 59 -11.58 -5.84 17.49
N GLY A 60 -10.66 -5.52 16.60
CA GLY A 60 -9.44 -6.29 16.42
C GLY A 60 -9.61 -7.48 15.51
N ARG A 61 -10.84 -7.80 15.09
CA ARG A 61 -11.12 -8.99 14.30
C ARG A 61 -11.11 -8.65 12.84
N ARG A 62 -10.86 -9.64 12.02
CA ARG A 62 -10.76 -9.53 10.59
C ARG A 62 -11.71 -10.52 9.92
N ALA A 63 -11.96 -10.29 8.62
CA ALA A 63 -12.69 -11.22 7.75
C ALA A 63 -12.17 -11.12 6.31
N LEU A 64 -12.30 -12.19 5.55
CA LEU A 64 -11.99 -12.15 4.15
C LEU A 64 -13.35 -12.00 3.51
N VAL A 65 -13.57 -10.86 2.88
CA VAL A 65 -14.88 -10.54 2.30
C VAL A 65 -14.94 -10.57 0.78
N ARG A 66 -15.90 -11.30 0.26
CA ARG A 66 -16.09 -11.42 -1.18
C ARG A 66 -16.63 -10.14 -1.75
N THR A 67 -16.14 -9.75 -2.92
CA THR A 67 -16.59 -8.53 -3.61
C THR A 67 -17.55 -8.81 -4.74
N GLY A 68 -17.73 -10.07 -5.10
CA GLY A 68 -18.63 -10.43 -6.18
C GLY A 68 -18.16 -10.14 -7.58
N VAL A 69 -16.87 -9.82 -7.74
CA VAL A 69 -16.27 -9.59 -9.05
C VAL A 69 -14.94 -10.30 -9.25
N ALA A 70 -14.61 -10.53 -10.49
CA ALA A 70 -13.30 -11.00 -10.95
C ALA A 70 -12.89 -10.14 -12.11
N VAL A 71 -11.58 -9.93 -12.25
CA VAL A 71 -11.03 -9.08 -13.31
C VAL A 71 -9.86 -9.73 -14.06
N ALA A 72 -9.53 -9.16 -15.22
CA ALA A 72 -8.36 -9.57 -15.96
C ALA A 72 -7.44 -8.37 -16.15
N VAL A 73 -6.58 -8.19 -15.16
CA VAL A 73 -5.56 -7.16 -15.16
C VAL A 73 -4.61 -7.45 -16.31
N PRO A 74 -4.38 -6.52 -17.22
CA PRO A 74 -3.52 -6.82 -18.37
C PRO A 74 -2.08 -7.20 -17.96
N PHE A 75 -1.43 -8.02 -18.78
CA PHE A 75 -0.04 -8.36 -18.66
C PHE A 75 0.77 -7.04 -18.68
N GLY A 76 1.78 -6.91 -17.79
CA GLY A 76 2.49 -5.65 -17.67
C GLY A 76 1.88 -4.72 -16.61
N MET A 77 0.67 -5.06 -16.18
CA MET A 77 -0.04 -4.29 -15.13
C MET A 77 -0.27 -5.10 -13.84
N VAL A 78 -0.75 -4.39 -12.82
CA VAL A 78 -1.13 -4.93 -11.53
C VAL A 78 -2.39 -4.20 -11.07
N GLY A 79 -3.30 -4.93 -10.44
CA GLY A 79 -4.42 -4.38 -9.70
C GLY A 79 -4.05 -4.17 -8.24
N LEU A 80 -4.52 -3.07 -7.67
CA LEU A 80 -4.19 -2.74 -6.29
C LEU A 80 -5.43 -2.41 -5.51
N VAL A 81 -5.63 -3.12 -4.41
CA VAL A 81 -6.79 -2.92 -3.52
C VAL A 81 -6.39 -2.00 -2.40
N HIS A 82 -6.97 -0.83 -2.38
CA HIS A 82 -6.70 0.16 -1.32
C HIS A 82 -7.90 0.37 -0.38
N PRO A 83 -7.66 0.67 0.89
CA PRO A 83 -8.75 1.04 1.76
C PRO A 83 -9.41 2.36 1.38
N ARG A 84 -10.67 2.50 1.73
CA ARG A 84 -11.37 3.77 1.67
C ARG A 84 -11.02 4.64 2.84
N SER A 85 -10.75 5.93 2.58
CA SER A 85 -10.18 6.85 3.61
C SER A 85 -11.20 7.27 4.67
N GLY A 86 -12.46 7.43 4.24
CA GLY A 86 -13.59 7.87 5.08
C GLY A 86 -13.80 6.86 6.21
N LEU A 87 -13.98 5.60 5.82
CA LEU A 87 -14.25 4.51 6.74
C LEU A 87 -13.05 4.26 7.62
N ALA A 88 -11.87 4.56 7.07
CA ALA A 88 -10.64 4.33 7.79
C ALA A 88 -10.60 5.20 9.04
N THR A 89 -10.91 6.49 8.89
CA THR A 89 -10.91 7.41 10.01
C THR A 89 -12.15 7.25 10.87
N ARG A 90 -13.32 7.14 10.25
CA ARG A 90 -14.52 7.22 11.04
C ARG A 90 -14.62 6.00 11.95
N VAL A 91 -14.21 4.82 11.47
CA VAL A 91 -14.50 3.57 12.23
C VAL A 91 -13.29 2.65 12.38
N GLY A 92 -12.16 3.04 11.79
CA GLY A 92 -10.96 2.29 11.92
C GLY A 92 -10.90 1.06 11.07
N LEU A 93 -11.66 1.06 9.97
CA LEU A 93 -11.60 -0.05 9.02
C LEU A 93 -10.32 0.02 8.16
N SER A 94 -9.62 -1.13 8.08
CA SER A 94 -8.39 -1.23 7.31
C SER A 94 -8.39 -2.54 6.55
N ILE A 95 -7.29 -2.79 5.84
CA ILE A 95 -7.11 -3.98 5.01
C ILE A 95 -5.77 -4.57 5.38
N VAL A 96 -5.77 -5.81 5.88
CA VAL A 96 -4.59 -6.43 6.51
C VAL A 96 -3.41 -6.49 5.52
N ASN A 97 -3.68 -6.85 4.27
CA ASN A 97 -2.61 -7.01 3.29
C ASN A 97 -2.48 -5.77 2.43
N SER A 98 -2.97 -4.62 2.91
CA SER A 98 -2.96 -3.38 2.07
C SER A 98 -1.55 -2.97 1.65
N PRO A 99 -1.30 -2.61 0.39
CA PRO A 99 -2.25 -2.64 -0.76
C PRO A 99 -2.38 -4.06 -1.24
N GLY A 100 -3.58 -4.56 -1.38
CA GLY A 100 -3.76 -5.90 -1.95
C GLY A 100 -3.30 -5.97 -3.41
N THR A 101 -2.55 -7.01 -3.75
CA THR A 101 -1.92 -7.17 -5.03
C THR A 101 -2.67 -8.16 -5.87
N ILE A 102 -3.24 -7.70 -6.98
CA ILE A 102 -3.98 -8.54 -7.97
C ILE A 102 -3.14 -8.74 -9.22
N ASP A 103 -2.71 -9.98 -9.44
CA ASP A 103 -1.77 -10.26 -10.47
C ASP A 103 -2.53 -10.40 -11.77
N ALA A 104 -1.81 -10.09 -12.85
CA ALA A 104 -2.36 -10.21 -14.21
C ALA A 104 -2.99 -11.52 -14.55
N GLY A 105 -2.44 -12.61 -14.02
CA GLY A 105 -2.94 -13.94 -14.29
C GLY A 105 -4.08 -14.44 -13.40
N TYR A 106 -4.46 -13.66 -12.40
CA TYR A 106 -5.52 -14.03 -11.49
C TYR A 106 -6.90 -13.90 -12.11
N ARG A 107 -7.65 -15.01 -12.09
CA ARG A 107 -9.03 -15.03 -12.61
C ARG A 107 -10.01 -15.44 -11.52
N GLY A 108 -9.59 -15.47 -10.27
CA GLY A 108 -10.54 -15.74 -9.23
C GLY A 108 -11.25 -14.48 -8.81
N GLU A 109 -12.07 -14.66 -7.78
CA GLU A 109 -12.80 -13.58 -7.12
C GLU A 109 -11.87 -12.71 -6.34
N ILE A 110 -12.05 -11.40 -6.48
CA ILE A 110 -11.37 -10.43 -5.62
C ILE A 110 -11.97 -10.48 -4.22
N LYS A 111 -11.10 -10.76 -3.23
CA LYS A 111 -11.50 -10.79 -1.80
C LYS A 111 -10.72 -9.72 -1.02
N VAL A 112 -11.32 -9.11 -0.01
CA VAL A 112 -10.76 -8.02 0.73
C VAL A 112 -10.69 -8.44 2.15
N ALA A 113 -9.47 -8.40 2.69
CA ALA A 113 -9.15 -8.84 4.05
C ALA A 113 -9.36 -7.66 4.96
N LEU A 114 -10.61 -7.40 5.33
CA LEU A 114 -10.96 -6.27 6.19
C LEU A 114 -10.56 -6.53 7.63
N ILE A 115 -10.15 -5.49 8.34
CA ILE A 115 -9.89 -5.62 9.76
C ILE A 115 -10.37 -4.33 10.47
N ASN A 116 -10.94 -4.51 11.64
CA ASN A 116 -11.36 -3.47 12.52
C ASN A 116 -10.20 -3.15 13.51
N LEU A 117 -9.52 -2.03 13.28
CA LEU A 117 -8.46 -1.52 14.14
C LEU A 117 -8.98 -0.57 15.25
N ASP A 118 -10.28 -0.51 15.42
CA ASP A 118 -10.82 0.25 16.53
C ASP A 118 -10.69 -0.60 17.81
N PRO A 119 -10.30 0.00 18.93
CA PRO A 119 -10.16 -0.79 20.16
C PRO A 119 -11.47 -1.19 20.84
N ALA A 120 -12.61 -0.58 20.51
CA ALA A 120 -13.81 -0.85 21.28
C ALA A 120 -15.10 -0.99 20.50
N ALA A 121 -15.26 -0.37 19.34
CA ALA A 121 -16.54 -0.43 18.60
C ALA A 121 -16.54 -1.32 17.37
N PRO A 122 -17.58 -2.14 17.20
CA PRO A 122 -17.68 -3.01 16.03
C PRO A 122 -17.87 -2.24 14.75
N ILE A 123 -17.55 -2.88 13.63
CA ILE A 123 -17.86 -2.38 12.31
C ILE A 123 -18.92 -3.27 11.64
N VAL A 124 -20.01 -2.65 11.24
CA VAL A 124 -21.10 -3.38 10.54
C VAL A 124 -20.86 -3.20 9.05
N VAL A 125 -20.59 -4.27 8.35
CA VAL A 125 -20.45 -4.21 6.91
C VAL A 125 -21.71 -4.85 6.29
N HIS A 126 -22.40 -4.10 5.43
CA HIS A 126 -23.52 -4.64 4.72
C HIS A 126 -23.21 -5.01 3.25
N ARG A 127 -23.94 -6.00 2.79
CA ARG A 127 -23.94 -6.35 1.36
C ARG A 127 -24.39 -5.11 0.63
N GLY A 128 -23.61 -4.74 -0.39
CA GLY A 128 -23.87 -3.51 -1.08
C GLY A 128 -23.06 -2.29 -0.67
N ASP A 129 -22.35 -2.33 0.43
CA ASP A 129 -21.50 -1.22 0.87
C ASP A 129 -20.23 -1.21 0.04
N ARG A 130 -19.70 -0.02 -0.19
CA ARG A 130 -18.41 0.13 -0.83
C ARG A 130 -17.37 -0.09 0.28
N ILE A 131 -16.48 -1.06 0.12
CA ILE A 131 -15.51 -1.44 1.16
C ILE A 131 -14.05 -1.29 0.80
N ALA A 132 -13.75 -0.91 -0.44
CA ALA A 132 -12.38 -0.76 -0.90
C ALA A 132 -12.36 -0.10 -2.26
N GLN A 133 -11.17 0.19 -2.77
CA GLN A 133 -11.09 0.66 -4.15
C GLN A 133 -9.99 -0.10 -4.91
N LEU A 134 -10.21 -0.20 -6.21
CA LEU A 134 -9.32 -0.92 -7.09
C LEU A 134 -8.67 0.02 -8.08
N LEU A 135 -7.37 0.06 -7.98
CA LEU A 135 -6.55 0.76 -8.90
C LEU A 135 -5.84 -0.22 -9.87
N VAL A 136 -5.53 0.30 -11.07
CA VAL A 136 -4.71 -0.43 -11.96
C VAL A 136 -3.52 0.45 -12.34
N GLN A 137 -2.34 -0.14 -12.27
CA GLN A 137 -1.11 0.54 -12.68
C GLN A 137 -0.23 -0.36 -13.48
N ARG A 138 0.67 0.25 -14.24
CA ARG A 138 1.79 -0.53 -14.82
C ARG A 138 2.76 -1.01 -13.73
N VAL A 139 3.41 -2.15 -13.97
CA VAL A 139 4.38 -2.69 -13.04
C VAL A 139 5.58 -3.01 -13.90
N GLU A 140 6.76 -2.88 -13.33
CA GLU A 140 7.95 -3.32 -14.03
C GLU A 140 8.23 -4.78 -13.70
N LEU A 141 8.09 -5.62 -14.71
CA LEU A 141 8.31 -7.07 -14.49
C LEU A 141 9.80 -7.24 -14.59
N VAL A 142 10.52 -6.78 -13.57
CA VAL A 142 11.99 -6.81 -13.60
C VAL A 142 12.59 -8.23 -13.64
N GLU A 143 13.69 -8.40 -14.35
CA GLU A 143 14.44 -9.62 -14.32
C GLU A 143 15.50 -9.46 -13.25
N LEU A 144 15.52 -10.31 -12.23
CA LEU A 144 16.54 -10.18 -11.17
C LEU A 144 17.86 -10.70 -11.69
N VAL A 145 18.94 -9.93 -11.51
CA VAL A 145 20.27 -10.34 -11.95
C VAL A 145 21.14 -10.30 -10.70
N GLU A 146 21.60 -11.45 -10.30
CA GLU A 146 22.39 -11.50 -9.08
C GLU A 146 23.76 -10.90 -9.36
N VAL A 147 24.24 -10.06 -8.47
CA VAL A 147 25.59 -9.53 -8.49
C VAL A 147 26.27 -9.84 -7.17
N SER A 148 27.56 -9.72 -7.17
CA SER A 148 28.41 -10.03 -6.02
C SER A 148 28.49 -8.81 -5.12
N SER A 149 28.36 -7.61 -5.68
CA SER A 149 28.34 -6.35 -4.96
C SER A 149 27.86 -5.26 -5.86
N PHE A 150 27.58 -4.10 -5.28
CA PHE A 150 27.17 -2.93 -6.02
C PHE A 150 28.40 -2.06 -6.18
N ASP A 151 28.40 -1.31 -7.27
CA ASP A 151 29.40 -0.30 -7.62
C ASP A 151 29.38 0.93 -6.70
N GLU A 152 30.54 1.34 -6.20
CA GLU A 152 30.70 2.54 -5.31
C GLU A 152 31.68 3.64 -5.82
N HIS B 20 13.21 10.01 -14.31
CA HIS B 20 13.11 10.84 -15.54
C HIS B 20 12.57 12.26 -15.36
N MET B 21 12.55 13.00 -16.47
CA MET B 21 12.01 14.36 -16.56
C MET B 21 10.49 14.23 -16.33
N SER B 22 10.03 14.93 -15.32
CA SER B 22 8.65 14.76 -14.88
C SER B 22 8.06 16.15 -15.03
N THR B 23 6.95 16.36 -14.37
CA THR B 23 6.17 17.56 -14.44
C THR B 23 6.29 18.19 -13.05
N THR B 24 5.51 19.23 -12.83
CA THR B 24 5.47 19.88 -11.55
C THR B 24 4.28 19.35 -10.84
N LEU B 25 4.32 19.54 -9.52
CA LEU B 25 3.17 19.36 -8.68
C LEU B 25 2.88 20.68 -8.01
N ALA B 26 1.75 21.31 -8.40
CA ALA B 26 1.36 22.56 -7.71
C ALA B 26 0.94 22.23 -6.26
N ILE B 27 1.45 23.02 -5.31
CA ILE B 27 1.19 22.83 -3.91
C ILE B 27 0.92 24.17 -3.22
N VAL B 28 -0.03 24.14 -2.30
CA VAL B 28 -0.47 25.30 -1.50
C VAL B 28 -0.16 24.98 -0.07
N ARG B 29 0.53 25.88 0.60
CA ARG B 29 0.75 25.74 2.04
C ARG B 29 -0.37 26.49 2.75
N LEU B 30 -1.38 25.68 3.11
CA LEU B 30 -2.52 26.16 3.86
C LEU B 30 -2.09 26.64 5.19
N ASP B 31 -1.03 26.03 5.73
CA ASP B 31 -0.41 26.46 6.95
C ASP B 31 0.97 26.98 6.58
N PRO B 32 1.18 28.29 6.58
CA PRO B 32 2.44 28.83 6.09
C PRO B 32 3.52 28.73 7.15
N GLY B 33 3.28 28.31 8.38
CA GLY B 33 4.35 28.13 9.36
C GLY B 33 5.08 26.80 9.25
N LEU B 34 4.68 25.95 8.29
CA LEU B 34 5.35 24.67 8.09
C LEU B 34 6.26 24.80 6.88
N PRO B 35 7.36 24.06 6.85
CA PRO B 35 8.18 24.06 5.63
C PRO B 35 7.49 23.35 4.46
N LEU B 36 7.83 23.80 3.26
CA LEU B 36 7.45 23.16 2.02
C LEU B 36 8.00 21.73 1.99
N PRO B 37 7.15 20.73 1.70
CA PRO B 37 7.67 19.41 1.44
C PRO B 37 8.76 19.49 0.36
N SER B 38 9.80 18.68 0.51
CA SER B 38 10.86 18.54 -0.45
C SER B 38 11.34 17.06 -0.52
N ARG B 39 11.95 16.79 -1.65
CA ARG B 39 12.55 15.55 -1.93
C ARG B 39 13.94 15.63 -1.29
N ALA B 40 14.19 14.79 -0.29
CA ALA B 40 15.43 14.79 0.45
C ALA B 40 16.64 14.40 -0.42
N HIS B 41 16.47 13.42 -1.31
CA HIS B 41 17.51 13.05 -2.29
C HIS B 41 16.92 12.89 -3.66
N ASP B 42 17.73 13.08 -4.68
CA ASP B 42 17.19 13.28 -6.04
C ASP B 42 16.18 12.29 -6.63
N GLY B 43 16.46 11.00 -6.38
CA GLY B 43 15.58 9.92 -6.84
C GLY B 43 14.67 9.29 -5.80
N ASP B 44 14.63 9.90 -4.60
CA ASP B 44 13.71 9.47 -3.56
C ASP B 44 12.29 9.46 -4.13
N ALA B 45 11.54 8.41 -3.84
CA ALA B 45 10.19 8.25 -4.33
C ALA B 45 9.22 9.32 -3.81
N GLY B 46 9.44 9.75 -2.59
CA GLY B 46 8.51 10.62 -1.91
C GLY B 46 9.05 11.91 -1.37
N VAL B 47 8.13 12.83 -1.07
CA VAL B 47 8.46 14.01 -0.31
C VAL B 47 7.80 13.90 1.08
N ASP B 48 8.46 14.37 2.14
CA ASP B 48 7.90 14.23 3.47
C ASP B 48 6.84 15.27 3.72
N LEU B 49 5.73 14.79 4.28
CA LEU B 49 4.66 15.61 4.79
C LEU B 49 4.81 15.79 6.29
N TYR B 50 4.45 16.97 6.74
CA TYR B 50 4.55 17.43 8.14
C TYR B 50 3.21 17.45 8.83
N SER B 51 3.23 17.36 10.14
CA SER B 51 2.06 17.56 10.97
C SER B 51 1.90 19.03 11.24
N ALA B 52 0.72 19.59 10.95
CA ALA B 52 0.32 20.90 11.41
C ALA B 52 -0.06 20.91 12.90
N GLU B 53 -0.14 19.75 13.56
CA GLU B 53 -0.68 19.70 14.92
C GLU B 53 0.13 18.89 15.91
N ASP B 54 -0.05 19.26 17.18
CA ASP B 54 0.38 18.48 18.31
C ASP B 54 -0.73 17.49 18.57
N VAL B 55 -0.40 16.21 18.72
CA VAL B 55 -1.40 15.18 18.98
C VAL B 55 -0.70 14.01 19.69
N GLU B 56 -1.42 13.38 20.63
CA GLU B 56 -0.85 12.24 21.33
C GLU B 56 -1.77 11.07 21.05
N LEU B 57 -1.17 9.99 20.58
CA LEU B 57 -1.88 8.78 20.29
C LEU B 57 -1.57 7.70 21.34
N ALA B 58 -2.54 7.37 22.16
CA ALA B 58 -2.41 6.26 23.09
C ALA B 58 -2.35 4.93 22.32
N PRO B 59 -1.86 3.85 22.92
CA PRO B 59 -1.82 2.57 22.24
C PRO B 59 -3.16 2.17 21.56
N GLY B 60 -3.12 1.79 20.29
CA GLY B 60 -4.33 1.41 19.58
C GLY B 60 -5.23 2.52 19.05
N ARG B 61 -4.91 3.76 19.40
CA ARG B 61 -5.72 4.92 19.02
C ARG B 61 -5.21 5.55 17.75
N ARG B 62 -6.16 6.13 17.03
CA ARG B 62 -5.88 6.80 15.77
C ARG B 62 -6.31 8.28 15.83
N ALA B 63 -5.82 9.04 14.87
CA ALA B 63 -6.26 10.44 14.64
C ALA B 63 -6.20 10.82 13.17
N LEU B 64 -6.96 11.80 12.74
CA LEU B 64 -6.87 12.32 11.37
C LEU B 64 -6.07 13.61 11.52
N VAL B 65 -4.83 13.60 11.03
CA VAL B 65 -3.87 14.68 11.29
C VAL B 65 -3.70 15.51 10.01
N ARG B 66 -3.82 16.81 10.18
CA ARG B 66 -3.66 17.80 9.11
C ARG B 66 -2.17 17.97 8.76
N THR B 67 -1.85 18.09 7.48
CA THR B 67 -0.48 18.34 7.01
C THR B 67 -0.24 19.76 6.62
N GLY B 68 -1.29 20.57 6.55
CA GLY B 68 -1.11 21.95 6.19
C GLY B 68 -0.85 22.19 4.71
N VAL B 69 -1.07 21.19 3.85
CA VAL B 69 -0.86 21.37 2.45
C VAL B 69 -2.05 20.79 1.63
N ALA B 70 -2.20 21.30 0.42
CA ALA B 70 -3.10 20.78 -0.61
C ALA B 70 -2.26 20.72 -1.91
N VAL B 71 -2.56 19.76 -2.78
CA VAL B 71 -1.86 19.57 -4.03
C VAL B 71 -2.81 19.39 -5.20
N ALA B 72 -2.30 19.55 -6.42
CA ALA B 72 -3.07 19.25 -7.63
C ALA B 72 -2.39 18.12 -8.40
N VAL B 73 -2.75 16.90 -8.05
CA VAL B 73 -2.17 15.74 -8.72
C VAL B 73 -2.64 15.82 -10.19
N PRO B 74 -1.73 15.75 -11.17
CA PRO B 74 -2.14 15.78 -12.56
C PRO B 74 -3.10 14.68 -12.99
N PHE B 75 -3.98 15.05 -13.89
CA PHE B 75 -4.87 14.08 -14.51
C PHE B 75 -4.06 12.98 -15.19
N GLY B 76 -4.39 11.72 -14.96
CA GLY B 76 -3.57 10.60 -15.40
C GLY B 76 -2.68 10.08 -14.28
N MET B 77 -2.61 10.79 -13.17
CA MET B 77 -1.79 10.44 -12.01
C MET B 77 -2.61 10.24 -10.71
N VAL B 78 -1.89 9.77 -9.71
CA VAL B 78 -2.41 9.61 -8.37
C VAL B 78 -1.32 9.99 -7.38
N GLY B 79 -1.72 10.63 -6.31
CA GLY B 79 -0.85 10.84 -5.18
C GLY B 79 -1.03 9.72 -4.19
N LEU B 80 0.05 9.27 -3.55
CA LEU B 80 -0.04 8.15 -2.60
C LEU B 80 0.63 8.47 -1.28
N VAL B 81 -0.09 8.29 -0.19
CA VAL B 81 0.45 8.66 1.12
C VAL B 81 0.94 7.40 1.79
N HIS B 82 2.24 7.31 2.01
CA HIS B 82 2.87 6.13 2.60
C HIS B 82 3.44 6.42 3.98
N PRO B 83 3.50 5.41 4.85
CA PRO B 83 4.11 5.60 6.16
C PRO B 83 5.63 5.82 6.07
N ARG B 84 6.21 6.48 7.07
CA ARG B 84 7.66 6.62 7.16
C ARG B 84 8.19 5.36 7.81
N SER B 85 9.21 4.77 7.23
CA SER B 85 9.71 3.48 7.72
C SER B 85 10.33 3.64 9.14
N GLY B 86 11.21 4.61 9.34
CA GLY B 86 11.88 4.87 10.61
C GLY B 86 10.99 4.75 11.85
N LEU B 87 10.05 5.70 12.08
CA LEU B 87 8.93 5.65 13.01
C LEU B 87 8.02 4.40 13.07
N ALA B 88 7.89 3.67 11.98
CA ALA B 88 7.14 2.44 12.01
C ALA B 88 7.82 1.46 12.93
N THR B 89 9.12 1.38 12.72
CA THR B 89 9.96 0.50 13.57
C THR B 89 10.15 1.01 14.96
N ARG B 90 10.54 2.26 15.12
CA ARG B 90 10.86 2.74 16.46
C ARG B 90 9.60 2.73 17.34
N VAL B 91 8.42 3.08 16.80
CA VAL B 91 7.28 3.33 17.66
C VAL B 91 5.95 2.68 17.22
N GLY B 92 5.90 2.00 16.08
CA GLY B 92 4.66 1.35 15.73
C GLY B 92 3.62 2.29 15.12
N LEU B 93 4.08 3.44 14.61
CA LEU B 93 3.22 4.37 13.90
C LEU B 93 2.89 3.82 12.55
N SER B 94 1.61 3.86 12.19
CA SER B 94 1.18 3.41 10.90
C SER B 94 0.08 4.29 10.38
N ILE B 95 -0.45 3.95 9.22
CA ILE B 95 -1.48 4.78 8.58
C ILE B 95 -2.63 3.83 8.24
N VAL B 96 -3.78 4.06 8.87
CA VAL B 96 -4.95 3.16 8.79
C VAL B 96 -5.34 2.85 7.33
N ASN B 97 -5.33 3.84 6.46
CA ASN B 97 -5.77 3.69 5.03
C ASN B 97 -4.60 3.63 4.09
N SER B 98 -3.42 3.34 4.63
CA SER B 98 -2.21 3.16 3.81
C SER B 98 -2.44 2.15 2.67
N PRO B 99 -2.07 2.49 1.45
CA PRO B 99 -1.57 3.79 1.11
C PRO B 99 -2.76 4.76 0.86
N GLY B 100 -2.69 5.96 1.38
CA GLY B 100 -3.78 6.93 1.19
C GLY B 100 -3.77 7.34 -0.27
N THR B 101 -4.93 7.34 -0.88
CA THR B 101 -5.09 7.70 -2.26
C THR B 101 -5.60 9.16 -2.47
N ILE B 102 -4.78 9.98 -3.12
CA ILE B 102 -5.08 11.40 -3.39
C ILE B 102 -5.44 11.44 -4.88
N ASP B 103 -6.71 11.65 -5.17
CA ASP B 103 -7.20 11.69 -6.53
C ASP B 103 -6.81 13.01 -7.21
N ALA B 104 -6.67 12.91 -8.54
CA ALA B 104 -6.34 14.04 -9.38
C ALA B 104 -7.22 15.25 -9.17
N GLY B 105 -8.49 15.03 -8.90
CA GLY B 105 -9.43 16.15 -8.73
C GLY B 105 -9.51 16.76 -7.32
N TYR B 106 -8.86 16.16 -6.34
CA TYR B 106 -8.88 16.70 -4.98
C TYR B 106 -8.01 17.92 -4.81
N ARG B 107 -8.62 18.97 -4.26
CA ARG B 107 -7.99 20.23 -3.96
C ARG B 107 -8.04 20.60 -2.46
N GLY B 108 -8.53 19.69 -1.62
CA GLY B 108 -8.58 19.88 -0.18
C GLY B 108 -7.22 19.66 0.46
N GLU B 109 -7.18 19.84 1.77
CA GLU B 109 -6.03 19.53 2.60
C GLU B 109 -5.78 18.01 2.69
N ILE B 110 -4.51 17.63 2.59
CA ILE B 110 -4.12 16.26 2.76
C ILE B 110 -4.06 16.10 4.27
N LYS B 111 -4.76 15.05 4.71
CA LYS B 111 -4.81 14.63 6.11
C LYS B 111 -4.34 13.20 6.18
N VAL B 112 -3.74 12.82 7.29
CA VAL B 112 -3.14 11.52 7.45
C VAL B 112 -3.78 10.79 8.65
N ALA B 113 -4.32 9.61 8.42
CA ALA B 113 -4.98 8.80 9.43
C ALA B 113 -3.96 8.00 10.21
N LEU B 114 -3.25 8.65 11.11
CA LEU B 114 -2.26 8.00 11.95
C LEU B 114 -2.85 7.07 12.98
N ILE B 115 -2.19 5.95 13.26
CA ILE B 115 -2.62 5.01 14.30
C ILE B 115 -1.39 4.47 15.04
N ASN B 116 -1.53 4.31 16.35
CA ASN B 116 -0.50 3.79 17.19
C ASN B 116 -0.70 2.27 17.27
N LEU B 117 0.12 1.49 16.58
CA LEU B 117 0.02 0.02 16.64
C LEU B 117 0.88 -0.57 17.74
N ASP B 118 1.51 0.26 18.54
CA ASP B 118 2.21 -0.28 19.73
C ASP B 118 1.18 -0.69 20.78
N PRO B 119 1.41 -1.79 21.49
CA PRO B 119 0.51 -2.18 22.58
C PRO B 119 0.66 -1.38 23.86
N ALA B 120 1.70 -0.56 24.08
CA ALA B 120 1.93 0.04 25.41
C ALA B 120 2.41 1.47 25.51
N ALA B 121 3.24 1.92 24.57
CA ALA B 121 3.75 3.30 24.58
C ALA B 121 2.95 4.29 23.72
N PRO B 122 2.46 5.35 24.32
CA PRO B 122 1.89 6.43 23.54
C PRO B 122 2.93 6.97 22.56
N ILE B 123 2.39 7.52 21.51
CA ILE B 123 3.15 8.26 20.52
C ILE B 123 2.74 9.72 20.63
N VAL B 124 3.72 10.59 20.72
CA VAL B 124 3.52 12.03 20.80
C VAL B 124 4.00 12.62 19.47
N VAL B 125 3.10 13.28 18.78
CA VAL B 125 3.39 13.90 17.49
C VAL B 125 3.46 15.37 17.76
N HIS B 126 4.52 16.02 17.30
CA HIS B 126 4.62 17.47 17.40
C HIS B 126 4.40 18.18 16.04
N ARG B 127 3.82 19.38 16.08
CA ARG B 127 3.74 20.31 14.95
C ARG B 127 5.14 20.42 14.35
N GLY B 128 5.22 20.18 13.06
CA GLY B 128 6.50 20.28 12.37
C GLY B 128 7.23 18.99 12.24
N ASP B 129 6.76 17.94 12.93
CA ASP B 129 7.32 16.60 12.71
C ASP B 129 6.88 16.02 11.34
N ARG B 130 7.76 15.25 10.72
CA ARG B 130 7.47 14.47 9.53
C ARG B 130 6.68 13.23 9.93
N ILE B 131 5.52 13.05 9.29
CA ILE B 131 4.58 11.99 9.65
C ILE B 131 4.24 11.06 8.50
N ALA B 132 4.65 11.40 7.29
CA ALA B 132 4.35 10.59 6.15
C ALA B 132 5.14 11.01 4.93
N GLN B 133 5.01 10.26 3.84
CA GLN B 133 5.61 10.69 2.59
C GLN B 133 4.57 10.59 1.47
N LEU B 134 4.72 11.44 0.48
CA LEU B 134 3.81 11.50 -0.63
C LEU B 134 4.51 11.17 -1.94
N LEU B 135 4.01 10.14 -2.61
CA LEU B 135 4.52 9.74 -3.89
C LEU B 135 3.52 10.18 -4.95
N VAL B 136 3.99 10.31 -6.21
CA VAL B 136 3.09 10.55 -7.30
C VAL B 136 3.44 9.55 -8.36
N GLN B 137 2.44 8.87 -8.92
CA GLN B 137 2.61 7.88 -9.98
C GLN B 137 1.51 8.01 -11.01
N ARG B 138 1.81 7.53 -12.20
CA ARG B 138 0.79 7.28 -13.21
C ARG B 138 -0.16 6.23 -12.71
N VAL B 139 -1.41 6.36 -13.11
CA VAL B 139 -2.43 5.38 -12.90
C VAL B 139 -3.18 5.14 -14.23
N GLU B 140 -3.60 3.91 -14.46
CA GLU B 140 -4.38 3.57 -15.66
C GLU B 140 -5.85 3.78 -15.33
N LEU B 141 -6.45 4.73 -16.03
CA LEU B 141 -7.81 5.11 -15.78
C LEU B 141 -8.61 4.13 -16.64
N VAL B 142 -8.68 2.90 -16.16
CA VAL B 142 -9.29 1.86 -16.96
C VAL B 142 -10.80 2.06 -17.22
N GLU B 143 -11.19 1.73 -18.43
CA GLU B 143 -12.57 1.49 -18.77
C GLU B 143 -12.95 0.01 -18.53
N LEU B 144 -13.79 -0.24 -17.53
CA LEU B 144 -14.38 -1.53 -17.24
C LEU B 144 -15.32 -2.06 -18.35
N VAL B 145 -15.06 -3.27 -18.83
CA VAL B 145 -15.90 -3.93 -19.83
C VAL B 145 -16.38 -5.20 -19.21
N GLU B 146 -17.68 -5.25 -18.91
CA GLU B 146 -18.27 -6.44 -18.34
C GLU B 146 -18.34 -7.53 -19.40
N VAL B 147 -17.97 -8.74 -19.01
CA VAL B 147 -18.01 -9.93 -19.82
C VAL B 147 -18.75 -10.96 -18.98
N SER B 148 -19.46 -11.85 -19.65
CA SER B 148 -20.38 -12.76 -18.94
C SER B 148 -19.56 -13.83 -18.22
N SER B 149 -18.48 -14.25 -18.85
CA SER B 149 -17.51 -15.12 -18.20
C SER B 149 -16.18 -14.97 -18.94
N PHE B 150 -15.09 -15.27 -18.26
CA PHE B 150 -13.78 -15.20 -18.89
C PHE B 150 -13.70 -16.24 -19.99
N ASP B 151 -14.37 -17.35 -19.76
CA ASP B 151 -14.36 -18.45 -20.75
C ASP B 151 -14.95 -17.91 -22.04
N GLU B 152 -16.09 -17.22 -21.93
CA GLU B 152 -16.80 -16.80 -23.12
C GLU B 152 -16.11 -15.62 -23.73
N ALA B 153 -15.27 -14.94 -22.94
CA ALA B 153 -14.54 -13.79 -23.43
C ALA B 153 -13.22 -14.22 -24.04
N GLY B 154 -12.84 -15.49 -23.88
CA GLY B 154 -11.52 -15.96 -24.30
C GLY B 154 -10.37 -15.53 -23.38
N LEU B 155 -10.63 -15.46 -22.07
CA LEU B 155 -9.67 -14.95 -21.07
C LEU B 155 -9.42 -15.92 -19.89
N ALA B 156 -9.84 -17.18 -20.07
CA ALA B 156 -9.81 -18.13 -18.96
C ALA B 156 -8.40 -18.71 -18.77
N ARG B 160 -2.16 -18.79 -14.03
CA ARG B 160 -2.67 -19.23 -12.72
C ARG B 160 -3.82 -20.24 -12.87
N SER C 22 11.70 -5.79 -19.24
CA SER C 22 13.02 -6.08 -19.80
C SER C 22 14.02 -5.34 -18.84
N THR C 23 13.50 -4.53 -17.91
CA THR C 23 14.34 -3.87 -16.91
C THR C 23 14.95 -4.89 -16.00
N THR C 24 16.22 -4.72 -15.70
CA THR C 24 16.90 -5.63 -14.76
C THR C 24 17.03 -4.98 -13.39
N LEU C 25 17.00 -5.81 -12.35
CA LEU C 25 17.08 -5.39 -11.00
C LEU C 25 18.26 -6.16 -10.45
N ALA C 26 19.32 -5.41 -10.22
CA ALA C 26 20.50 -5.96 -9.57
C ALA C 26 20.18 -6.28 -8.13
N ILE C 27 20.57 -7.48 -7.75
CA ILE C 27 20.36 -8.00 -6.41
C ILE C 27 21.55 -8.74 -5.81
N VAL C 28 21.88 -8.47 -4.55
CA VAL C 28 22.91 -9.17 -3.76
C VAL C 28 22.24 -10.06 -2.68
N ARG C 29 22.57 -11.35 -2.70
CA ARG C 29 22.24 -12.24 -1.58
C ARG C 29 23.28 -12.02 -0.45
N LEU C 30 23.01 -11.05 0.44
CA LEU C 30 23.78 -10.86 1.64
C LEU C 30 23.80 -12.17 2.42
N ASP C 31 22.66 -12.87 2.47
CA ASP C 31 22.59 -14.24 2.97
C ASP C 31 22.65 -15.28 1.81
N PRO C 32 23.82 -15.91 1.60
CA PRO C 32 23.93 -16.81 0.43
C PRO C 32 23.07 -18.11 0.54
N GLY C 33 22.62 -18.40 1.76
CA GLY C 33 21.91 -19.62 2.07
C GLY C 33 20.45 -19.60 1.69
N LEU C 34 19.89 -18.47 1.21
CA LEU C 34 18.48 -18.37 0.84
C LEU C 34 18.34 -18.44 -0.67
N PRO C 35 17.19 -18.87 -1.20
CA PRO C 35 17.00 -18.85 -2.65
C PRO C 35 16.93 -17.42 -3.14
N LEU C 36 17.28 -17.19 -4.38
CA LEU C 36 17.12 -15.90 -4.99
C LEU C 36 15.62 -15.67 -5.07
N PRO C 37 15.08 -14.49 -4.75
CA PRO C 37 13.66 -14.20 -4.98
C PRO C 37 13.26 -14.41 -6.44
N SER C 38 12.05 -14.86 -6.71
CA SER C 38 11.64 -15.17 -8.08
C SER C 38 10.16 -14.84 -8.25
N ARG C 39 9.79 -14.63 -9.49
CA ARG C 39 8.44 -14.38 -9.89
C ARG C 39 7.81 -15.77 -10.09
N ALA C 40 6.80 -16.09 -9.28
CA ALA C 40 6.12 -17.37 -9.30
C ALA C 40 5.53 -17.66 -10.69
N HIS C 41 4.83 -16.69 -11.28
CA HIS C 41 4.30 -16.90 -12.62
C HIS C 41 4.62 -15.70 -13.47
N ASP C 42 4.55 -15.85 -14.78
CA ASP C 42 4.78 -14.70 -15.68
C ASP C 42 3.57 -13.80 -15.39
N GLY C 43 3.89 -12.52 -15.41
CA GLY C 43 2.90 -11.51 -15.10
C GLY C 43 2.71 -11.17 -13.64
N ASP C 44 3.18 -11.97 -12.70
CA ASP C 44 2.99 -11.66 -11.27
C ASP C 44 3.72 -10.35 -10.98
N ALA C 45 3.12 -9.45 -10.25
CA ALA C 45 3.64 -8.12 -10.00
C ALA C 45 4.87 -8.17 -9.12
N GLY C 46 4.89 -9.13 -8.21
CA GLY C 46 5.96 -9.16 -7.25
C GLY C 46 6.83 -10.40 -7.28
N VAL C 47 7.99 -10.27 -6.62
CA VAL C 47 8.84 -11.40 -6.27
C VAL C 47 8.83 -11.56 -4.76
N ASP C 48 8.74 -12.81 -4.30
CA ASP C 48 8.67 -13.08 -2.87
C ASP C 48 10.02 -12.96 -2.20
N LEU C 49 10.05 -12.25 -1.11
CA LEU C 49 11.19 -12.14 -0.19
C LEU C 49 11.11 -13.17 0.89
N TYR C 50 12.24 -13.77 1.22
CA TYR C 50 12.42 -14.72 2.33
C TYR C 50 12.80 -14.07 3.65
N SER C 51 12.47 -14.74 4.75
CA SER C 51 13.06 -14.39 6.03
C SER C 51 14.44 -15.01 6.17
N ALA C 52 15.39 -14.23 6.66
CA ALA C 52 16.71 -14.74 7.05
C ALA C 52 16.73 -15.31 8.48
N GLU C 53 15.63 -15.16 9.17
CA GLU C 53 15.64 -15.46 10.61
C GLU C 53 14.34 -16.13 11.08
N ASP C 54 14.42 -16.75 12.24
CA ASP C 54 13.32 -17.27 12.99
C ASP C 54 12.87 -16.14 13.93
N VAL C 55 11.57 -15.95 14.02
CA VAL C 55 10.96 -14.93 14.83
C VAL C 55 9.63 -15.48 15.31
N GLU C 56 9.31 -15.20 16.58
CA GLU C 56 7.96 -15.41 17.08
C GLU C 56 7.32 -14.08 17.46
N LEU C 57 6.20 -13.75 16.83
CA LEU C 57 5.42 -12.56 17.16
C LEU C 57 4.17 -12.86 17.98
N ALA C 58 4.17 -12.42 19.25
CA ALA C 58 2.99 -12.55 20.11
C ALA C 58 1.93 -11.63 19.56
N PRO C 59 0.67 -11.84 19.91
CA PRO C 59 -0.39 -10.96 19.39
C PRO C 59 -0.05 -9.49 19.61
N GLY C 60 -0.18 -8.69 18.54
CA GLY C 60 0.02 -7.25 18.62
C GLY C 60 1.47 -6.83 18.58
N ARG C 61 2.43 -7.77 18.57
CA ARG C 61 3.85 -7.39 18.57
C ARG C 61 4.42 -7.31 17.16
N ARG C 62 5.47 -6.52 16.99
CA ARG C 62 6.16 -6.37 15.74
C ARG C 62 7.63 -6.68 15.86
N ALA C 63 8.23 -6.93 14.70
CA ALA C 63 9.67 -7.18 14.61
C ALA C 63 10.17 -6.71 13.23
N LEU C 64 11.40 -6.24 13.18
CA LEU C 64 12.01 -5.83 11.95
C LEU C 64 12.88 -6.98 11.48
N VAL C 65 12.49 -7.61 10.39
CA VAL C 65 13.06 -8.89 10.02
C VAL C 65 13.90 -8.73 8.74
N ARG C 66 15.10 -9.30 8.76
CA ARG C 66 16.03 -9.25 7.63
C ARG C 66 15.60 -10.24 6.55
N THR C 67 15.75 -9.83 5.28
CA THR C 67 15.46 -10.71 4.15
C THR C 67 16.66 -11.37 3.48
N GLY C 68 17.86 -10.95 3.85
CA GLY C 68 19.07 -11.50 3.26
C GLY C 68 19.38 -10.96 1.86
N VAL C 69 18.66 -9.89 1.44
CA VAL C 69 18.94 -9.27 0.14
C VAL C 69 19.10 -7.79 0.18
N ALA C 70 19.88 -7.23 -0.75
CA ALA C 70 19.87 -5.79 -1.02
C ALA C 70 19.66 -5.65 -2.53
N VAL C 71 18.95 -4.63 -2.95
CA VAL C 71 18.68 -4.40 -4.39
C VAL C 71 19.11 -3.01 -4.82
N ALA C 72 19.19 -2.79 -6.14
CA ALA C 72 19.52 -1.48 -6.65
C ALA C 72 18.37 -1.02 -7.52
N VAL C 73 17.40 -0.34 -6.92
CA VAL C 73 16.25 0.19 -7.69
C VAL C 73 16.76 1.23 -8.66
N PRO C 74 16.48 1.13 -9.95
CA PRO C 74 16.94 2.13 -10.91
C PRO C 74 16.37 3.53 -10.62
N PHE C 75 17.17 4.54 -10.98
CA PHE C 75 16.72 5.90 -10.90
C PHE C 75 15.47 6.05 -11.79
N GLY C 76 14.44 6.70 -11.26
CA GLY C 76 13.15 6.84 -11.95
C GLY C 76 12.12 5.84 -11.50
N MET C 77 12.55 4.93 -10.63
CA MET C 77 11.68 3.87 -10.19
C MET C 77 11.72 3.79 -8.69
N VAL C 78 10.86 2.93 -8.15
CA VAL C 78 10.69 2.74 -6.70
C VAL C 78 10.45 1.27 -6.45
N GLY C 79 11.00 0.77 -5.36
CA GLY C 79 10.75 -0.57 -4.87
C GLY C 79 9.64 -0.56 -3.83
N LEU C 80 8.70 -1.50 -3.87
CA LEU C 80 7.54 -1.49 -2.94
C LEU C 80 7.39 -2.84 -2.27
N VAL C 81 7.39 -2.85 -0.94
CA VAL C 81 7.31 -4.07 -0.20
C VAL C 81 5.83 -4.23 0.23
N HIS C 82 5.20 -5.30 -0.20
CA HIS C 82 3.79 -5.53 0.07
C HIS C 82 3.65 -6.80 0.90
N PRO C 83 2.61 -6.86 1.73
CA PRO C 83 2.29 -8.09 2.45
C PRO C 83 1.80 -9.20 1.50
N ARG C 84 2.04 -10.46 1.86
CA ARG C 84 1.39 -11.60 1.20
C ARG C 84 -0.06 -11.78 1.74
N SER C 85 -0.97 -12.05 0.80
CA SER C 85 -2.40 -12.11 1.06
C SER C 85 -2.75 -13.31 1.92
N GLY C 86 -2.12 -14.47 1.68
CA GLY C 86 -2.45 -15.68 2.40
C GLY C 86 -2.17 -15.56 3.90
N LEU C 87 -0.96 -15.16 4.29
CA LEU C 87 -0.66 -15.00 5.71
C LEU C 87 -1.49 -13.87 6.36
N ALA C 88 -1.78 -12.81 5.59
CA ALA C 88 -2.61 -11.70 6.07
C ALA C 88 -3.93 -12.21 6.61
N THR C 89 -4.63 -13.00 5.83
CA THR C 89 -5.94 -13.49 6.23
C THR C 89 -5.77 -14.59 7.25
N ARG C 90 -4.85 -15.52 6.96
CA ARG C 90 -4.81 -16.77 7.72
C ARG C 90 -4.33 -16.50 9.14
N VAL C 91 -3.27 -15.69 9.31
CA VAL C 91 -2.74 -15.49 10.65
C VAL C 91 -2.73 -14.04 11.14
N GLY C 92 -3.21 -13.15 10.29
CA GLY C 92 -3.21 -11.74 10.61
C GLY C 92 -1.89 -11.06 10.48
N LEU C 93 -0.99 -11.64 9.69
CA LEU C 93 0.32 -11.00 9.46
C LEU C 93 0.25 -9.76 8.56
N SER C 94 0.77 -8.65 9.07
CA SER C 94 0.81 -7.42 8.31
C SER C 94 2.22 -6.81 8.36
N ILE C 95 2.36 -5.66 7.71
CA ILE C 95 3.61 -4.91 7.62
C ILE C 95 3.26 -3.49 8.05
N VAL C 96 3.92 -3.02 9.10
CA VAL C 96 3.60 -1.77 9.79
C VAL C 96 3.66 -0.61 8.82
N ASN C 97 4.70 -0.58 7.98
CA ASN C 97 4.90 0.56 7.07
C ASN C 97 4.44 0.27 5.64
N SER C 98 3.54 -0.70 5.41
CA SER C 98 3.10 -1.05 4.08
C SER C 98 2.42 0.14 3.39
N PRO C 99 2.73 0.39 2.11
CA PRO C 99 3.75 -0.29 1.32
C PRO C 99 5.15 0.26 1.66
N GLY C 100 6.07 -0.63 1.99
CA GLY C 100 7.44 -0.28 2.27
C GLY C 100 8.06 0.29 1.01
N THR C 101 8.68 1.45 1.15
CA THR C 101 9.24 2.24 0.06
C THR C 101 10.75 2.09 0.04
N ILE C 102 11.22 1.50 -1.06
CA ILE C 102 12.63 1.32 -1.37
C ILE C 102 13.06 2.37 -2.38
N ASP C 103 13.82 3.36 -1.94
CA ASP C 103 14.30 4.39 -2.82
C ASP C 103 15.45 3.95 -3.71
N ALA C 104 15.51 4.57 -4.89
CA ALA C 104 16.52 4.31 -5.92
C ALA C 104 17.96 4.49 -5.35
N GLY C 105 18.17 5.33 -4.34
CA GLY C 105 19.50 5.52 -3.77
C GLY C 105 19.87 4.46 -2.75
N TYR C 106 18.94 3.67 -2.26
CA TYR C 106 19.19 2.67 -1.19
C TYR C 106 19.90 1.40 -1.66
N ARG C 107 20.97 1.02 -0.95
CA ARG C 107 21.80 -0.13 -1.27
C ARG C 107 21.99 -1.02 -0.02
N GLY C 108 21.25 -0.78 1.05
CA GLY C 108 21.31 -1.67 2.20
C GLY C 108 20.37 -2.84 2.11
N GLU C 109 20.37 -3.61 3.19
CA GLU C 109 19.56 -4.81 3.33
C GLU C 109 18.07 -4.47 3.38
N ILE C 110 17.25 -5.20 2.62
CA ILE C 110 15.79 -5.03 2.75
C ILE C 110 15.33 -5.72 4.01
N LYS C 111 14.61 -4.97 4.82
CA LYS C 111 14.07 -5.43 6.07
C LYS C 111 12.56 -5.25 6.05
N VAL C 112 11.83 -6.13 6.71
CA VAL C 112 10.38 -6.13 6.68
C VAL C 112 9.85 -5.93 8.10
N ALA C 113 9.09 -4.86 8.32
CA ALA C 113 8.47 -4.60 9.62
C ALA C 113 7.17 -5.43 9.84
N LEU C 114 7.32 -6.72 10.13
CA LEU C 114 6.19 -7.61 10.35
C LEU C 114 5.47 -7.25 11.61
N ILE C 115 4.14 -7.36 11.58
CA ILE C 115 3.37 -7.20 12.80
C ILE C 115 2.25 -8.24 12.88
N ASN C 116 1.97 -8.71 14.08
CA ASN C 116 0.86 -9.62 14.32
C ASN C 116 -0.41 -8.89 14.69
N LEU C 117 -1.34 -8.74 13.72
CA LEU C 117 -2.64 -8.09 13.99
C LEU C 117 -3.71 -9.05 14.51
N ASP C 118 -3.45 -10.35 14.64
CA ASP C 118 -4.36 -11.26 15.36
C ASP C 118 -4.47 -10.91 16.84
N PRO C 119 -5.65 -11.03 17.47
CA PRO C 119 -5.73 -10.77 18.92
C PRO C 119 -5.16 -11.83 19.88
N ALA C 120 -5.09 -13.10 19.51
CA ALA C 120 -4.81 -14.14 20.51
C ALA C 120 -3.72 -15.12 20.17
N ALA C 121 -3.44 -15.33 18.88
CA ALA C 121 -2.61 -16.42 18.38
C ALA C 121 -1.24 -15.90 17.94
N PRO C 122 -0.20 -16.42 18.57
CA PRO C 122 1.15 -16.06 18.09
C PRO C 122 1.45 -16.46 16.63
N ILE C 123 2.31 -15.67 15.98
CA ILE C 123 2.79 -15.98 14.61
C ILE C 123 4.23 -16.47 14.65
N VAL C 124 4.49 -17.61 14.05
CA VAL C 124 5.80 -18.17 13.95
C VAL C 124 6.29 -17.97 12.52
N VAL C 125 7.47 -17.36 12.41
CA VAL C 125 8.21 -17.25 11.16
C VAL C 125 9.54 -18.01 11.32
N HIS C 126 9.83 -18.87 10.36
CA HIS C 126 11.14 -19.50 10.29
C HIS C 126 11.95 -19.01 9.09
N ARG C 127 13.26 -19.05 9.23
CA ARG C 127 14.20 -18.80 8.13
C ARG C 127 13.78 -19.58 6.89
N GLY C 128 13.74 -18.95 5.74
CA GLY C 128 13.25 -19.61 4.54
C GLY C 128 11.78 -19.45 4.21
N ASP C 129 10.96 -18.96 5.15
CA ASP C 129 9.56 -18.65 4.82
C ASP C 129 9.55 -17.44 3.87
N ARG C 130 8.52 -17.34 3.04
CA ARG C 130 8.30 -16.13 2.26
C ARG C 130 7.36 -15.24 3.04
N ILE C 131 7.80 -14.02 3.29
CA ILE C 131 7.20 -13.10 4.27
C ILE C 131 6.69 -11.80 3.67
N ALA C 132 6.97 -11.56 2.39
CA ALA C 132 6.57 -10.31 1.71
C ALA C 132 6.79 -10.46 0.21
N GLN C 133 6.31 -9.51 -0.54
CA GLN C 133 6.61 -9.45 -1.96
C GLN C 133 7.18 -8.07 -2.34
N LEU C 134 8.09 -8.07 -3.35
CA LEU C 134 8.75 -6.85 -3.82
C LEU C 134 8.29 -6.54 -5.21
N LEU C 135 7.72 -5.34 -5.39
CA LEU C 135 7.30 -4.85 -6.69
C LEU C 135 8.24 -3.75 -7.09
N VAL C 136 8.39 -3.55 -8.39
CA VAL C 136 9.14 -2.40 -8.92
C VAL C 136 8.20 -1.58 -9.79
N GLN C 137 8.09 -0.26 -9.54
CA GLN C 137 7.34 0.61 -10.43
C GLN C 137 8.12 1.86 -10.80
N ARG C 138 7.71 2.45 -11.91
CA ARG C 138 8.11 3.83 -12.19
C ARG C 138 7.45 4.75 -11.16
N VAL C 139 8.11 5.88 -10.91
CA VAL C 139 7.55 6.90 -10.01
C VAL C 139 7.79 8.23 -10.68
N GLU C 140 6.91 9.21 -10.50
CA GLU C 140 7.13 10.53 -11.08
C GLU C 140 7.87 11.36 -10.10
N LEU C 141 9.01 11.86 -10.52
CA LEU C 141 9.87 12.60 -9.61
C LEU C 141 9.51 14.10 -9.76
N VAL C 142 8.30 14.42 -9.33
CA VAL C 142 7.66 15.70 -9.55
C VAL C 142 8.42 16.79 -8.85
N GLU C 143 8.49 17.90 -9.53
CA GLU C 143 9.07 19.07 -8.96
C GLU C 143 7.96 19.93 -8.32
N LEU C 144 8.02 20.05 -7.01
CA LEU C 144 7.02 20.82 -6.29
C LEU C 144 7.17 22.33 -6.60
N VAL C 145 6.04 22.98 -6.85
CA VAL C 145 5.99 24.42 -7.10
C VAL C 145 4.94 24.99 -6.21
N GLU C 146 5.33 25.86 -5.28
CA GLU C 146 4.34 26.53 -4.41
C GLU C 146 3.52 27.52 -5.23
N VAL C 147 2.19 27.42 -5.14
CA VAL C 147 1.23 28.36 -5.70
C VAL C 147 0.41 29.08 -4.62
N SER C 148 -0.22 30.18 -4.97
CA SER C 148 -1.08 30.96 -4.06
C SER C 148 -2.32 30.18 -3.62
N SER C 149 -3.02 29.62 -4.58
CA SER C 149 -4.31 29.00 -4.28
C SER C 149 -4.80 28.16 -5.44
N PHE C 150 -5.80 27.32 -5.08
CA PHE C 150 -6.59 26.54 -6.04
C PHE C 150 -8.04 27.07 -6.20
N1 DUT D . -7.39 11.91 1.25
C2 DUT D . -6.50 12.45 2.15
N3 DUT D . -5.58 11.70 2.79
C4 DUT D . -5.52 10.36 2.55
C5 DUT D . -6.40 9.78 1.63
C6 DUT D . -7.30 10.57 1.01
O2 DUT D . -6.45 13.66 2.45
O4 DUT D . -4.65 9.55 3.17
C1' DUT D . -8.37 12.73 0.46
C2' DUT D . -7.96 12.56 -0.99
C3' DUT D . -9.03 11.87 -1.83
C4' DUT D . -10.21 11.89 -0.87
O4' DUT D . -9.71 12.30 0.42
O3' DUT D . -9.25 12.25 -3.19
C5' DUT D . -11.03 10.59 -0.84
O5' DUT D . -10.33 9.35 -0.58
PA DUT D . -10.99 7.85 -0.64
O1A DUT D . -11.73 7.70 -1.99
O2A DUT D . -9.87 6.90 -0.28
O3A DUT D . -12.02 7.89 0.60
PB DUT D . -13.63 7.84 0.58
O1B DUT D . -13.97 6.97 -0.63
O2B DUT D . -14.07 7.31 1.94
O3B DUT D . -14.03 9.42 0.46
PG DUT D . -14.53 10.15 -0.92
O1G DUT D . -16.05 9.95 -1.00
O2G DUT D . -13.84 9.37 -2.04
O3G DUT D . -14.12 11.60 -0.73
C TRS E . 1.33 1.51 -5.00
C1 TRS E . 1.91 2.14 -3.71
C2 TRS E . -0.19 1.68 -4.95
C3 TRS E . 1.78 0.04 -4.90
N TRS E . 1.79 1.97 -6.33
O1 TRS E . 1.66 3.49 -3.53
O2 TRS E . -0.65 0.68 -4.12
O3 TRS E . 2.43 -0.06 -3.67
C TRS F . -4.23 -3.83 17.59
C1 TRS F . -5.22 -3.87 16.41
C2 TRS F . -4.01 -2.37 18.00
C3 TRS F . -2.84 -4.46 17.23
N TRS F . -4.75 -4.33 18.90
O1 TRS F . -6.65 -3.93 16.59
O2 TRS F . -2.99 -1.67 17.33
O3 TRS F . -2.84 -5.85 16.94
N NO3 G . 25.01 0.79 -8.50
O1 NO3 G . 24.57 -0.16 -7.65
O2 NO3 G . 25.89 0.43 -9.50
O3 NO3 G . 24.45 2.00 -8.38
N1 DUT H . -5.98 -11.41 -3.96
C2 DUT H . -7.19 -10.91 -3.67
N3 DUT H . -7.35 -9.83 -2.87
C4 DUT H . -6.28 -9.17 -2.38
C5 DUT H . -5.03 -9.62 -2.70
C6 DUT H . -4.88 -10.78 -3.48
O2 DUT H . -8.27 -11.47 -4.04
O4 DUT H . -6.45 -8.13 -1.62
C1' DUT H . -5.81 -12.59 -4.88
C2' DUT H . -5.22 -11.96 -6.15
C3' DUT H . -3.79 -12.47 -6.39
C4' DUT H . -3.71 -13.63 -5.40
O4' DUT H . -4.84 -13.53 -4.51
O3' DUT H . -3.21 -12.62 -7.68
C5' DUT H . -2.38 -13.82 -4.70
O5' DUT H . -2.14 -12.67 -3.87
PA DUT H . -0.65 -12.59 -3.13
O1A DUT H . 0.36 -12.80 -4.26
O2A DUT H . -0.67 -11.29 -2.35
O3A DUT H . -0.74 -13.75 -2.04
PB DUT H . 0.26 -14.93 -1.68
O1B DUT H . 1.69 -14.51 -2.08
O2B DUT H . -0.03 -15.43 -0.22
O3B DUT H . -0.35 -16.07 -2.68
PG DUT H . 0.24 -16.73 -4.07
O1G DUT H . 0.99 -17.96 -3.54
O2G DUT H . 1.13 -15.66 -4.72
O3G DUT H . -1.06 -17.08 -4.81
N1 DUT I . 13.37 -0.01 3.67
N1 DUT I . 13.41 0.14 3.65
C2 DUT I . 13.31 -1.35 3.86
C2 DUT I . 13.37 -1.19 3.83
N3 DUT I . 12.12 -2.01 3.97
N3 DUT I . 12.20 -1.89 3.96
C4 DUT I . 10.96 -1.35 3.92
C4 DUT I . 11.03 -1.22 3.90
C5 DUT I . 10.97 0.02 3.73
C5 DUT I . 11.01 0.15 3.71
C6 DUT I . 12.18 0.67 3.62
C6 DUT I . 12.22 0.83 3.59
O2 DUT I . 14.31 -2.09 3.91
O2 DUT I . 14.36 -1.92 3.89
O4 DUT I . 9.81 -1.98 4.05
O4 DUT I . 9.93 -1.89 4.07
C1' DUT I . 14.63 0.75 3.51
C1' DUT I . 14.67 0.90 3.44
C2' DUT I . 14.58 1.31 2.09
C2' DUT I . 14.52 1.49 2.04
C3' DUT I . 14.58 2.82 2.10
C3' DUT I . 14.58 3.00 2.01
C4' DUT I . 14.81 3.17 3.57
C4' DUT I . 15.04 3.25 3.45
O4' DUT I . 14.78 1.93 4.31
O4' DUT I . 14.96 2.04 4.21
O3' DUT I . 15.35 3.47 1.09
O3' DUT I . 15.10 3.74 0.89
C5' DUT I . 13.80 4.15 4.15
C5' DUT I . 14.37 4.39 4.16
O5' DUT I . 13.37 5.16 3.22
O5' DUT I . 15.36 4.84 5.08
PA DUT I . 11.86 5.74 3.18
PA DUT I . 15.18 6.23 5.85
O1A DUT I . 11.54 6.13 1.75
O1A DUT I . 16.00 6.02 7.11
O2A DUT I . 10.98 4.69 3.84
O2A DUT I . 15.40 7.31 4.80
O3A DUT I . 12.08 7.10 4.06
O3A DUT I . 13.61 6.18 6.26
PB DUT I . 10.97 7.88 4.94
PB DUT I . 12.78 7.45 6.76
O1B DUT I . 10.57 9.14 4.19
O1B DUT I . 12.57 7.28 8.25
O2B DUT I . 9.94 6.84 5.28
O2B DUT I . 13.36 8.73 6.16
O3B DUT I . 11.64 8.39 6.33
O3B DUT I . 11.33 7.17 6.06
PG DUT I . 12.36 7.55 7.54
PG DUT I . 11.13 6.61 4.55
O1G DUT I . 11.33 7.39 8.63
O1G DUT I . 11.73 7.67 3.64
O2G DUT I . 13.46 8.53 7.93
O2G DUT I . 9.61 6.48 4.51
O3G DUT I . 12.85 6.23 6.91
O3G DUT I . 11.66 5.20 4.43
C TRS J . -1.93 -1.72 7.95
C1 TRS J . -2.34 -0.73 9.09
C2 TRS J . -3.19 -2.34 7.35
C3 TRS J . -0.85 -2.71 8.46
N TRS J . -1.33 -1.25 6.69
O1 TRS J . -2.06 0.59 8.71
O2 TRS J . -3.68 -3.29 8.21
O3 TRS J . 0.29 -2.09 8.99
#